data_3PSQ
#
_entry.id   3PSQ
#
_cell.length_a   94.511
_cell.length_b   94.511
_cell.length_c   253.519
_cell.angle_alpha   90.00
_cell.angle_beta   90.00
_cell.angle_gamma   90.00
#
_symmetry.space_group_name_H-M   'I 41 2 2'
#
loop_
_entity.id
_entity.type
_entity.pdbx_description
1 polymer 'Hypothetical exported protein'
2 non-polymer 1,2-ETHANEDIOL
3 non-polymer 'ACETIC ACID'
4 non-polymer 'CHLORIDE ION'
5 non-polymer 'ZINC ION'
6 water water
#
_entity_poly.entity_id   1
_entity_poly.type   'polypeptide(L)'
_entity_poly.pdbx_seq_one_letter_code
;GPGSLTVYQGANATNYQQYKKKGVQFDDLLAINSDVMAWLTVKGTHIDYPIVQGENNLEYINKSVEGEYSLSGSVFLDYR
NKVTFEDKYSLIYAHHMAGNVMFGELPNFRKKSFFNKHKEFSIETKTKQKLKINIFACIQTDAFDSLLFNPIDVDISSKN
EFLNHIKQKSVQYREILTTNESRFVALSTCEDMTTDGRIIVIGQIE
;
_entity_poly.pdbx_strand_id   A,B
#
loop_
_chem_comp.id
_chem_comp.type
_chem_comp.name
_chem_comp.formula
ACY non-polymer 'ACETIC ACID' 'C2 H4 O2'
CL non-polymer 'CHLORIDE ION' 'Cl -1'
EDO non-polymer 1,2-ETHANEDIOL 'C2 H6 O2'
ZN non-polymer 'ZINC ION' 'Zn 2'
#
# COMPACT_ATOMS: atom_id res chain seq x y z
N LYS A 21 -6.41 15.42 2.05
CA LYS A 21 -6.46 16.68 1.26
C LYS A 21 -5.90 17.86 2.06
N LYS A 22 -5.20 18.72 1.33
CA LYS A 22 -4.33 19.72 1.96
C LYS A 22 -5.13 20.81 2.64
N GLY A 23 -6.26 21.14 2.01
CA GLY A 23 -7.09 22.24 2.46
C GLY A 23 -7.74 21.96 3.81
N VAL A 24 -8.08 20.70 4.07
CA VAL A 24 -8.67 20.30 5.36
C VAL A 24 -7.62 20.12 6.48
N GLN A 25 -6.41 19.63 6.14
CA GLN A 25 -5.45 19.22 7.19
C GLN A 25 -4.20 20.09 7.47
N PHE A 26 -3.63 20.74 6.46
CA PHE A 26 -2.26 21.31 6.55
C PHE A 26 -2.06 22.34 7.66
N ASP A 27 -2.88 23.38 7.65
CA ASP A 27 -2.81 24.40 8.69
C ASP A 27 -2.97 23.79 10.06
N ASP A 28 -3.93 22.91 10.22
CA ASP A 28 -4.19 22.28 11.51
C ASP A 28 -3.03 21.42 11.97
N LEU A 29 -2.47 20.59 11.09
CA LEU A 29 -1.27 19.84 11.42
C LEU A 29 -0.16 20.76 11.85
N LEU A 30 0.01 21.84 11.12
CA LEU A 30 1.08 22.79 11.39
C LEU A 30 0.92 23.34 12.78
N ALA A 31 -0.33 23.52 13.17
CA ALA A 31 -0.69 24.12 14.46
C ALA A 31 -0.49 23.13 15.62
N ILE A 32 -0.48 21.85 15.27
CA ILE A 32 -0.51 20.74 16.25
C ILE A 32 0.90 20.22 16.54
N ASN A 33 1.78 20.26 15.54
CA ASN A 33 3.09 19.69 15.66
C ASN A 33 4.05 20.55 14.86
N SER A 34 4.87 21.31 15.56
CA SER A 34 5.86 22.17 14.91
C SER A 34 6.87 21.41 14.03
N ASP A 35 6.96 20.08 14.17
CA ASP A 35 7.73 19.26 13.21
C ASP A 35 7.13 19.24 11.78
N VAL A 36 5.82 19.44 11.67
CA VAL A 36 5.15 19.50 10.36
C VAL A 36 5.71 20.70 9.55
N MET A 37 6.16 20.48 8.32
CA MET A 37 6.83 21.59 7.60
C MET A 37 6.61 21.64 6.09
N ALA A 38 5.90 20.69 5.53
CA ALA A 38 5.59 20.73 4.10
C ALA A 38 4.43 19.81 3.71
N TRP A 39 3.93 19.98 2.49
CA TRP A 39 2.95 19.07 1.92
C TRP A 39 3.53 18.58 0.63
N LEU A 40 3.40 17.28 0.38
CA LEU A 40 3.93 16.66 -0.82
C LEU A 40 2.81 16.03 -1.66
N THR A 41 2.84 16.29 -2.97
CA THR A 41 1.88 15.74 -3.90
C THR A 41 2.62 15.17 -5.09
N VAL A 42 2.31 13.92 -5.44
CA VAL A 42 2.89 13.33 -6.64
C VAL A 42 1.74 12.83 -7.50
N LYS A 43 1.40 13.62 -8.51
CA LYS A 43 0.38 13.28 -9.52
C LYS A 43 0.65 11.92 -10.12
N GLY A 44 -0.40 11.13 -10.25
CA GLY A 44 -0.26 9.79 -10.81
C GLY A 44 -0.15 8.76 -9.68
N THR A 45 -0.21 9.24 -8.45
CA THR A 45 -0.16 8.36 -7.28
C THR A 45 -1.13 8.95 -6.30
N HIS A 46 -1.35 8.23 -5.21
CA HIS A 46 -2.06 8.80 -4.11
C HIS A 46 -1.12 9.44 -3.08
N ILE A 47 0.13 9.72 -3.47
CA ILE A 47 1.01 10.47 -2.58
C ILE A 47 0.57 11.92 -2.50
N ASP A 48 0.06 12.30 -1.34
CA ASP A 48 -0.58 13.59 -1.16
C ASP A 48 -0.59 13.75 0.36
N TYR A 49 0.53 14.17 0.92
CA TYR A 49 0.69 14.02 2.36
C TYR A 49 1.39 15.18 3.00
N PRO A 50 1.04 15.44 4.28
CA PRO A 50 1.85 16.33 5.09
C PRO A 50 3.22 15.67 5.38
N ILE A 51 4.26 16.48 5.53
CA ILE A 51 5.65 16.00 5.72
C ILE A 51 6.16 16.58 7.01
N VAL A 52 6.83 15.76 7.81
CA VAL A 52 7.47 16.25 9.01
C VAL A 52 8.96 16.25 8.86
N GLN A 53 9.63 17.01 9.73
CA GLN A 53 11.04 16.82 9.93
C GLN A 53 11.29 16.55 11.40
N GLY A 54 11.99 15.44 11.70
CA GLY A 54 12.32 15.16 13.09
C GLY A 54 13.66 15.73 13.50
N GLU A 55 14.01 15.55 14.79
CA GLU A 55 15.31 16.02 15.33
C GLU A 55 16.41 15.04 14.95
N ASN A 56 15.99 13.87 14.49
CA ASN A 56 16.87 12.83 13.96
C ASN A 56 16.06 12.02 12.96
N ASN A 57 16.66 11.02 12.32
CA ASN A 57 15.98 10.25 11.29
C ASN A 57 15.34 8.96 11.77
N LEU A 58 15.26 8.77 13.09
CA LEU A 58 14.61 7.57 13.63
C LEU A 58 13.26 7.93 14.30
N GLU A 59 13.12 9.19 14.70
CA GLU A 59 11.97 9.71 15.43
C GLU A 59 10.56 9.32 14.90
N TYR A 60 10.42 9.27 13.58
CA TYR A 60 9.14 9.01 12.96
C TYR A 60 8.93 7.56 12.48
N ILE A 61 9.77 6.63 12.93
CA ILE A 61 9.44 5.20 12.74
C ILE A 61 8.08 4.80 13.34
N ASN A 62 7.76 5.26 14.53
CA ASN A 62 6.52 4.86 15.24
C ASN A 62 5.81 6.11 15.79
N LYS A 63 5.85 7.18 15.00
CA LYS A 63 5.19 8.41 15.37
C LYS A 63 4.40 8.99 14.19
N SER A 64 3.20 9.46 14.45
CA SER A 64 2.34 10.04 13.40
C SER A 64 2.63 11.53 13.18
N VAL A 65 2.11 12.08 12.08
CA VAL A 65 2.22 13.51 11.83
C VAL A 65 1.63 14.35 12.96
N GLU A 66 0.64 13.82 13.68
CA GLU A 66 0.09 14.59 14.81
C GLU A 66 1.03 14.55 16.01
N GLY A 67 2.05 13.69 15.99
CA GLY A 67 2.98 13.63 17.10
C GLY A 67 2.70 12.56 18.13
N GLU A 68 1.86 11.58 17.77
CA GLU A 68 1.56 10.52 18.73
C GLU A 68 2.11 9.20 18.28
N TYR A 69 2.03 8.23 19.17
CA TYR A 69 2.45 6.90 18.84
C TYR A 69 1.69 6.42 17.60
N SER A 70 2.36 5.67 16.75
CA SER A 70 1.76 5.11 15.58
C SER A 70 2.43 3.80 15.18
N LEU A 71 1.65 2.77 14.79
CA LEU A 71 2.22 1.52 14.27
C LEU A 71 2.88 1.70 12.90
N SER A 72 2.48 2.72 12.15
CA SER A 72 3.14 2.83 10.85
C SER A 72 4.13 3.97 10.73
N GLY A 73 4.02 4.99 11.57
CA GLY A 73 4.94 6.12 11.51
C GLY A 73 4.71 7.03 10.31
N SER A 74 5.67 7.89 9.94
CA SER A 74 5.42 8.97 8.95
C SER A 74 6.57 9.13 7.96
N VAL A 75 6.29 9.73 6.83
CA VAL A 75 7.30 10.18 5.89
C VAL A 75 7.90 11.50 6.35
N PHE A 76 9.23 11.64 6.25
CA PHE A 76 9.96 12.74 6.90
C PHE A 76 11.10 13.31 6.03
N LEU A 77 11.29 14.62 6.09
CA LEU A 77 12.45 15.25 5.52
C LEU A 77 13.66 14.95 6.39
N ASP A 78 14.77 14.58 5.78
CA ASP A 78 16.00 14.36 6.52
C ASP A 78 16.27 15.48 7.55
N TYR A 79 16.61 15.12 8.80
CA TYR A 79 16.88 16.07 9.84
C TYR A 79 17.98 17.09 9.52
N ARG A 80 18.83 16.80 8.56
CA ARG A 80 19.97 17.67 8.26
C ARG A 80 19.63 18.70 7.18
N ASN A 81 18.42 18.66 6.63
CA ASN A 81 18.05 19.54 5.54
C ASN A 81 17.42 20.82 6.03
N LYS A 82 17.52 21.88 5.24
CA LYS A 82 16.74 23.11 5.47
C LYS A 82 15.29 22.88 5.07
N VAL A 83 14.35 23.32 5.92
CA VAL A 83 12.92 23.13 5.64
C VAL A 83 12.43 23.90 4.41
N THR A 84 13.23 24.88 4.00
CA THR A 84 12.87 25.76 2.88
C THR A 84 13.23 25.10 1.54
N PHE A 85 13.81 23.90 1.59
CA PHE A 85 14.24 23.21 0.37
C PHE A 85 15.30 23.99 -0.42
N GLU A 86 16.15 24.74 0.31
CA GLU A 86 17.25 25.57 -0.24
CA GLU A 86 17.19 25.52 -0.38
C GLU A 86 18.53 24.76 -0.52
N ASP A 87 18.68 23.63 0.17
CA ASP A 87 19.86 22.78 0.03
C ASP A 87 19.97 22.21 -1.35
N LYS A 88 21.16 21.75 -1.71
CA LYS A 88 21.36 21.11 -3.01
C LYS A 88 20.50 19.85 -3.17
N TYR A 89 20.24 19.20 -2.05
CA TYR A 89 19.68 17.87 -2.05
C TYR A 89 18.85 17.66 -0.80
N SER A 90 17.54 17.63 -1.01
CA SER A 90 16.61 17.40 0.05
C SER A 90 16.09 15.96 -0.06
N LEU A 91 16.27 15.20 1.03
CA LEU A 91 15.88 13.79 1.08
C LEU A 91 14.62 13.61 1.93
N ILE A 92 13.58 13.15 1.26
CA ILE A 92 12.34 12.78 1.92
C ILE A 92 12.27 11.25 1.94
N TYR A 93 12.16 10.70 3.14
CA TYR A 93 12.36 9.28 3.37
C TYR A 93 11.17 8.71 4.16
N ALA A 94 10.96 7.40 4.00
CA ALA A 94 10.04 6.64 4.87
C ALA A 94 10.72 5.36 5.30
N HIS A 95 10.65 5.04 6.59
CA HIS A 95 11.11 3.74 7.06
C HIS A 95 10.17 2.62 6.56
N HIS A 96 10.53 1.38 6.88
CA HIS A 96 9.85 0.24 6.29
C HIS A 96 8.33 0.29 6.36
N MET A 97 7.75 0.50 7.53
CA MET A 97 6.29 0.52 7.63
C MET A 97 5.64 1.69 6.87
N ALA A 98 6.03 2.94 7.19
CA ALA A 98 5.54 4.10 6.50
C ALA A 98 5.77 4.04 4.99
N GLY A 99 6.84 3.40 4.56
CA GLY A 99 7.13 3.30 3.16
C GLY A 99 6.12 2.39 2.47
N ASN A 100 5.91 1.19 3.05
CA ASN A 100 4.87 0.29 2.59
C ASN A 100 3.48 0.93 2.66
N VAL A 101 3.17 1.68 3.71
CA VAL A 101 1.86 2.30 3.83
C VAL A 101 1.64 3.52 2.89
N MET A 102 2.66 4.39 2.76
CA MET A 102 2.48 5.67 2.09
CA MET A 102 2.49 5.67 2.08
C MET A 102 3.17 5.81 0.72
N PHE A 103 4.32 5.14 0.57
CA PHE A 103 5.13 5.21 -0.63
C PHE A 103 5.10 3.90 -1.40
N GLY A 104 4.02 3.11 -1.27
CA GLY A 104 3.95 1.85 -1.97
C GLY A 104 3.93 1.99 -3.50
N GLU A 105 3.54 3.17 -4.01
CA GLU A 105 3.52 3.37 -5.47
C GLU A 105 4.85 3.78 -6.10
N LEU A 106 5.86 4.16 -5.30
CA LEU A 106 7.14 4.64 -5.88
C LEU A 106 7.70 3.69 -6.96
N PRO A 107 7.61 2.36 -6.74
CA PRO A 107 8.17 1.46 -7.74
C PRO A 107 7.48 1.52 -9.12
N ASN A 108 6.35 2.20 -9.23
CA ASN A 108 5.75 2.41 -10.56
C ASN A 108 6.71 3.18 -11.46
N PHE A 109 7.58 3.99 -10.86
CA PHE A 109 8.55 4.75 -11.61
C PHE A 109 9.64 3.92 -12.29
N ARG A 110 9.67 2.63 -11.97
CA ARG A 110 10.54 1.68 -12.64
C ARG A 110 10.01 1.37 -14.03
N LYS A 111 8.71 1.56 -14.25
CA LYS A 111 8.07 1.22 -15.52
C LYS A 111 8.24 2.34 -16.53
N LYS A 112 8.76 2.00 -17.70
CA LYS A 112 8.99 3.01 -18.78
C LYS A 112 7.79 3.90 -19.04
N SER A 113 6.66 3.29 -19.37
CA SER A 113 5.46 4.06 -19.68
CA SER A 113 5.44 4.03 -19.67
C SER A 113 5.04 4.96 -18.52
N PHE A 114 5.08 4.43 -17.28
CA PHE A 114 4.73 5.24 -16.10
C PHE A 114 5.72 6.40 -15.89
N PHE A 115 7.00 6.12 -16.00
CA PHE A 115 8.04 7.11 -15.88
C PHE A 115 7.96 8.21 -16.94
N ASN A 116 7.65 7.84 -18.19
CA ASN A 116 7.45 8.86 -19.22
C ASN A 116 6.15 9.65 -19.04
N LYS A 117 5.15 9.08 -18.36
CA LYS A 117 3.87 9.81 -18.24
C LYS A 117 3.83 10.81 -17.10
N HIS A 118 4.47 10.46 -15.99
CA HIS A 118 4.41 11.25 -14.75
C HIS A 118 5.79 11.78 -14.45
N LYS A 119 5.94 13.10 -14.53
CA LYS A 119 7.26 13.72 -14.69
C LYS A 119 7.54 14.79 -13.65
N GLU A 120 6.59 15.03 -12.76
CA GLU A 120 6.79 16.06 -11.77
C GLU A 120 6.16 15.67 -10.42
N PHE A 121 6.65 16.29 -9.35
CA PHE A 121 5.90 16.31 -8.12
C PHE A 121 6.08 17.67 -7.55
N SER A 122 5.27 18.00 -6.56
CA SER A 122 5.32 19.36 -6.06
C SER A 122 5.27 19.40 -4.55
N ILE A 123 5.82 20.46 -3.98
CA ILE A 123 5.89 20.58 -2.55
C ILE A 123 5.36 21.95 -2.18
N GLU A 124 4.60 22.04 -1.10
CA GLU A 124 4.27 23.32 -0.55
C GLU A 124 4.85 23.43 0.85
N THR A 125 5.58 24.52 1.10
CA THR A 125 6.26 24.68 2.37
C THR A 125 5.31 25.26 3.40
N LYS A 126 5.81 25.40 4.62
CA LYS A 126 5.00 25.92 5.70
C LYS A 126 4.78 27.41 5.60
N THR A 127 5.62 28.10 4.82
CA THR A 127 5.38 29.52 4.55
C THR A 127 4.53 29.64 3.30
N LYS A 128 4.05 28.50 2.78
CA LYS A 128 3.15 28.39 1.60
C LYS A 128 3.80 28.66 0.26
N GLN A 129 5.12 28.63 0.26
CA GLN A 129 5.89 28.63 -0.97
C GLN A 129 5.61 27.35 -1.76
N LYS A 130 5.53 27.45 -3.08
CA LYS A 130 5.15 26.30 -3.90
C LYS A 130 6.27 25.90 -4.81
N LEU A 131 6.65 24.64 -4.81
CA LEU A 131 7.79 24.24 -5.58
C LEU A 131 7.33 23.16 -6.53
N LYS A 132 7.93 23.12 -7.70
CA LYS A 132 7.63 22.13 -8.68
C LYS A 132 8.95 21.43 -8.88
N ILE A 133 8.91 20.12 -8.90
CA ILE A 133 10.12 19.37 -9.04
C ILE A 133 9.99 18.56 -10.31
N ASN A 134 11.01 18.61 -11.17
CA ASN A 134 11.02 17.85 -12.42
C ASN A 134 11.76 16.49 -12.23
N ILE A 135 11.05 15.38 -12.35
CA ILE A 135 11.64 14.06 -12.10
C ILE A 135 12.59 13.65 -13.22
N PHE A 136 13.78 13.16 -12.89
CA PHE A 136 14.68 12.71 -13.95
C PHE A 136 15.22 11.30 -13.76
N ALA A 137 15.05 10.68 -12.59
CA ALA A 137 15.56 9.32 -12.39
C ALA A 137 14.77 8.50 -11.40
N CYS A 138 14.68 7.20 -11.68
CA CYS A 138 14.25 6.21 -10.71
C CYS A 138 15.43 5.29 -10.44
N ILE A 139 15.84 5.19 -9.19
CA ILE A 139 17.10 4.52 -8.81
C ILE A 139 16.87 3.24 -8.00
N GLN A 140 17.62 2.19 -8.30
CA GLN A 140 17.65 1.03 -7.43
CA GLN A 140 17.65 0.99 -7.49
C GLN A 140 19.02 0.94 -6.79
N THR A 141 19.00 1.01 -5.47
CA THR A 141 20.23 0.99 -4.76
C THR A 141 19.95 0.20 -3.49
N ASP A 142 20.83 0.26 -2.52
CA ASP A 142 20.55 -0.43 -1.25
C ASP A 142 20.83 0.50 -0.06
N ALA A 143 20.57 -0.02 1.14
CA ALA A 143 20.68 0.77 2.38
C ALA A 143 22.07 1.36 2.54
N PHE A 144 23.05 0.86 1.78
CA PHE A 144 24.45 1.22 2.01
C PHE A 144 25.03 2.04 0.93
N ASP A 145 24.16 2.62 0.09
CA ASP A 145 24.54 3.63 -0.89
C ASP A 145 25.45 4.71 -0.26
N SER A 146 26.65 4.84 -0.82
CA SER A 146 27.68 5.72 -0.24
C SER A 146 27.44 7.23 -0.45
N LEU A 147 26.37 7.59 -1.13
CA LEU A 147 26.16 8.99 -1.43
C LEU A 147 24.75 9.53 -1.13
N LEU A 148 23.74 8.77 -1.52
CA LEU A 148 22.40 9.32 -1.71
C LEU A 148 21.54 9.42 -0.45
N PHE A 149 22.03 8.88 0.67
CA PHE A 149 21.27 8.99 1.93
C PHE A 149 21.90 9.97 2.88
N ASN A 150 22.83 10.77 2.37
CA ASN A 150 23.47 11.80 3.16
C ASN A 150 23.53 13.12 2.37
N PRO A 151 22.63 14.07 2.67
CA PRO A 151 22.58 15.35 1.97
C PRO A 151 23.87 16.18 2.15
N ILE A 152 24.60 15.93 3.23
CA ILE A 152 25.86 16.64 3.41
C ILE A 152 26.88 16.13 2.41
N ASP A 153 26.97 14.80 2.26
CA ASP A 153 27.91 14.19 1.32
C ASP A 153 27.58 14.62 -0.09
N VAL A 154 26.31 14.62 -0.44
CA VAL A 154 25.90 15.15 -1.74
C VAL A 154 26.34 16.62 -1.94
N ASP A 155 26.10 17.46 -0.95
CA ASP A 155 26.44 18.87 -1.05
C ASP A 155 27.93 19.12 -1.39
N ILE A 156 28.83 18.30 -0.84
CA ILE A 156 30.26 18.47 -1.05
C ILE A 156 30.82 17.62 -2.19
N SER A 157 29.92 17.01 -2.98
CA SER A 157 30.35 16.25 -4.15
C SER A 157 30.12 17.11 -5.40
N SER A 158 30.87 16.83 -6.46
CA SER A 158 30.70 17.62 -7.68
C SER A 158 29.41 17.19 -8.37
N LYS A 159 28.84 18.08 -9.17
CA LYS A 159 27.63 17.76 -9.94
C LYS A 159 27.84 16.53 -10.82
N ASN A 160 29.01 16.38 -11.39
CA ASN A 160 29.26 15.26 -12.27
CA ASN A 160 29.29 15.25 -12.25
C ASN A 160 29.36 13.92 -11.55
N GLU A 161 29.93 13.90 -10.33
CA GLU A 161 30.00 12.64 -9.57
C GLU A 161 28.57 12.25 -9.10
N PHE A 162 27.79 13.26 -8.71
CA PHE A 162 26.42 13.08 -8.29
C PHE A 162 25.58 12.49 -9.42
N LEU A 163 25.64 13.10 -10.59
CA LEU A 163 24.82 12.63 -11.71
C LEU A 163 25.27 11.28 -12.26
N ASN A 164 26.57 11.00 -12.23
CA ASN A 164 27.06 9.71 -12.72
CA ASN A 164 27.04 9.72 -12.72
C ASN A 164 26.80 8.58 -11.73
N HIS A 165 26.87 8.90 -10.44
CA HIS A 165 26.53 7.97 -9.39
C HIS A 165 25.08 7.53 -9.57
N ILE A 166 24.21 8.49 -9.80
CA ILE A 166 22.78 8.26 -10.01
C ILE A 166 22.56 7.47 -11.30
N LYS A 167 23.04 8.00 -12.42
CA LYS A 167 22.97 7.34 -13.71
C LYS A 167 23.21 5.82 -13.67
N GLN A 168 24.27 5.37 -13.01
CA GLN A 168 24.65 3.96 -13.06
CA GLN A 168 24.63 3.95 -13.08
C GLN A 168 23.77 3.07 -12.17
N LYS A 169 22.93 3.69 -11.36
CA LYS A 169 22.01 2.95 -10.51
C LYS A 169 20.56 3.15 -10.91
N SER A 170 20.34 3.83 -12.03
CA SER A 170 19.00 4.17 -12.48
C SER A 170 18.39 3.08 -13.33
N VAL A 171 17.10 2.83 -13.08
CA VAL A 171 16.30 1.93 -13.90
C VAL A 171 15.58 2.75 -14.99
N GLN A 172 15.22 3.99 -14.66
CA GLN A 172 14.79 4.97 -15.65
C GLN A 172 15.55 6.30 -15.46
N TYR A 173 15.85 7.00 -16.56
CA TYR A 173 16.62 8.25 -16.52
C TYR A 173 16.25 9.16 -17.71
N ARG A 174 16.31 10.47 -17.50
CA ARG A 174 16.16 11.41 -18.61
C ARG A 174 17.12 12.58 -18.38
N GLU A 175 17.74 13.07 -19.46
CA GLU A 175 18.61 14.25 -19.42
C GLU A 175 17.78 15.51 -19.37
N ILE A 176 17.92 16.31 -18.32
CA ILE A 176 17.33 17.66 -18.36
C ILE A 176 18.39 18.75 -18.13
N LEU A 177 18.12 19.98 -18.56
CA LEU A 177 19.05 21.09 -18.32
C LEU A 177 19.32 21.26 -16.83
N THR A 178 20.59 21.29 -16.45
CA THR A 178 20.98 21.62 -15.08
C THR A 178 22.05 22.72 -15.04
N THR A 179 22.09 23.49 -13.96
CA THR A 179 23.12 24.49 -13.71
C THR A 179 23.80 24.08 -12.41
N ASN A 180 24.88 24.76 -12.02
CA ASN A 180 25.48 24.44 -10.72
CA ASN A 180 25.53 24.55 -10.72
C ASN A 180 24.68 25.04 -9.55
N GLU A 181 23.66 25.83 -9.88
CA GLU A 181 22.77 26.35 -8.83
CA GLU A 181 22.74 26.39 -8.89
C GLU A 181 21.52 25.47 -8.67
N SER A 182 21.35 24.49 -9.56
CA SER A 182 20.21 23.53 -9.50
C SER A 182 20.06 22.81 -8.16
N ARG A 183 18.83 22.70 -7.68
CA ARG A 183 18.56 21.96 -6.44
C ARG A 183 17.76 20.67 -6.70
N PHE A 184 17.97 19.68 -5.85
CA PHE A 184 17.39 18.36 -6.07
C PHE A 184 16.51 17.92 -4.90
N VAL A 185 15.56 17.05 -5.19
CA VAL A 185 14.68 16.49 -4.15
C VAL A 185 14.48 15.02 -4.47
N ALA A 186 14.72 14.20 -3.45
CA ALA A 186 14.66 12.77 -3.57
C ALA A 186 13.58 12.25 -2.62
N LEU A 187 12.81 11.29 -3.09
CA LEU A 187 11.84 10.57 -2.28
C LEU A 187 12.27 9.10 -2.28
N SER A 188 12.28 8.49 -1.11
CA SER A 188 12.90 7.18 -0.96
C SER A 188 12.26 6.31 0.15
N THR A 189 12.31 5.00 -0.07
CA THR A 189 12.02 4.06 0.96
C THR A 189 12.68 2.72 0.62
N CYS A 190 12.31 1.66 1.35
CA CYS A 190 12.82 0.34 1.05
C CYS A 190 12.17 -0.29 -0.19
N GLU A 191 12.81 -1.32 -0.71
CA GLU A 191 12.20 -2.16 -1.71
C GLU A 191 12.41 -3.60 -1.23
N ASP A 192 11.44 -4.14 -0.49
CA ASP A 192 11.60 -5.44 0.20
C ASP A 192 11.77 -6.68 -0.70
N MET A 193 11.77 -6.51 -2.02
CA MET A 193 12.03 -7.68 -2.86
CA MET A 193 12.03 -7.58 -3.00
C MET A 193 13.51 -7.90 -3.15
N THR A 194 14.36 -6.89 -2.95
CA THR A 194 15.83 -7.07 -3.17
C THR A 194 16.65 -6.84 -1.89
N THR A 195 17.93 -7.27 -1.90
CA THR A 195 18.71 -7.33 -0.64
C THR A 195 19.02 -5.94 -0.11
N ASP A 196 18.45 -5.61 1.07
CA ASP A 196 18.65 -4.28 1.68
C ASP A 196 18.22 -3.18 0.73
N GLY A 197 17.30 -3.54 -0.16
CA GLY A 197 17.03 -2.75 -1.34
C GLY A 197 16.39 -1.44 -1.00
N ARG A 198 16.79 -0.39 -1.74
CA ARG A 198 16.15 0.94 -1.59
C ARG A 198 15.72 1.47 -2.95
N ILE A 199 14.57 2.13 -2.99
CA ILE A 199 14.22 2.84 -4.18
C ILE A 199 14.35 4.36 -3.96
N ILE A 200 14.85 5.07 -4.97
CA ILE A 200 14.86 6.53 -4.92
C ILE A 200 14.27 7.08 -6.21
N VAL A 201 13.30 7.98 -6.08
CA VAL A 201 12.82 8.83 -7.17
C VAL A 201 13.36 10.24 -6.92
N ILE A 202 14.16 10.71 -7.87
CA ILE A 202 14.80 12.03 -7.73
C ILE A 202 14.36 13.02 -8.82
N GLY A 203 14.14 14.27 -8.42
CA GLY A 203 13.88 15.31 -9.39
C GLY A 203 14.69 16.59 -9.18
N GLN A 204 14.60 17.50 -10.15
CA GLN A 204 15.24 18.82 -10.01
C GLN A 204 14.23 19.91 -9.77
N ILE A 205 14.44 20.74 -8.77
CA ILE A 205 13.52 21.86 -8.50
C ILE A 205 13.37 22.80 -9.75
N GLU A 206 12.13 23.01 -10.17
CA GLU A 206 11.82 23.82 -11.32
C GLU A 206 12.60 25.12 -11.29
N LYS B 21 -25.70 1.23 2.21
CA LYS B 21 -24.29 1.69 2.48
C LYS B 21 -23.49 1.77 1.19
N LYS B 22 -23.48 0.66 0.46
CA LYS B 22 -22.95 0.64 -0.91
C LYS B 22 -23.57 1.73 -1.76
N GLY B 23 -24.91 1.72 -1.86
CA GLY B 23 -25.63 2.71 -2.64
C GLY B 23 -25.09 4.11 -2.37
N VAL B 24 -24.98 4.43 -1.08
CA VAL B 24 -24.43 5.72 -0.66
C VAL B 24 -22.94 5.89 -0.98
N GLN B 25 -22.14 4.91 -0.56
CA GLN B 25 -20.70 5.10 -0.39
C GLN B 25 -19.80 4.73 -1.59
N PHE B 26 -20.23 3.78 -2.42
CA PHE B 26 -19.31 3.12 -3.38
C PHE B 26 -18.62 4.02 -4.43
N ASP B 27 -19.39 4.70 -5.27
CA ASP B 27 -18.83 5.58 -6.32
C ASP B 27 -18.01 6.75 -5.74
N ASP B 28 -18.49 7.30 -4.63
CA ASP B 28 -17.77 8.37 -3.91
C ASP B 28 -16.39 7.94 -3.39
N LEU B 29 -16.30 6.70 -2.90
CA LEU B 29 -15.05 6.11 -2.44
C LEU B 29 -14.14 5.84 -3.63
N LEU B 30 -14.73 5.36 -4.73
CA LEU B 30 -13.96 5.10 -5.95
C LEU B 30 -13.18 6.34 -6.36
N ALA B 31 -13.59 7.48 -5.83
CA ALA B 31 -13.05 8.77 -6.24
C ALA B 31 -12.11 9.37 -5.20
N ILE B 32 -12.44 9.21 -3.93
CA ILE B 32 -11.56 9.59 -2.83
C ILE B 32 -10.25 8.80 -2.88
N ASN B 33 -10.34 7.49 -3.15
CA ASN B 33 -9.21 6.57 -2.99
C ASN B 33 -9.04 5.72 -4.24
N SER B 34 -7.94 5.98 -4.94
CA SER B 34 -7.64 5.25 -6.14
C SER B 34 -7.45 3.73 -5.92
N ASP B 35 -7.27 3.32 -4.66
CA ASP B 35 -7.01 1.88 -4.31
C ASP B 35 -8.32 1.06 -4.18
N VAL B 36 -9.45 1.76 -4.02
CA VAL B 36 -10.77 1.13 -4.08
C VAL B 36 -11.04 0.41 -5.41
N MET B 37 -11.39 -0.86 -5.33
CA MET B 37 -11.61 -1.61 -6.55
C MET B 37 -12.84 -2.54 -6.50
N ALA B 38 -13.59 -2.55 -5.40
CA ALA B 38 -14.75 -3.46 -5.27
C ALA B 38 -15.58 -3.22 -4.01
N TRP B 39 -16.68 -3.95 -3.90
CA TRP B 39 -17.51 -3.91 -2.75
C TRP B 39 -17.87 -5.35 -2.39
N LEU B 40 -17.82 -5.65 -1.08
CA LEU B 40 -18.07 -6.97 -0.56
C LEU B 40 -19.28 -6.99 0.34
N THR B 41 -20.15 -7.97 0.10
CA THR B 41 -21.30 -8.18 0.95
C THR B 41 -21.35 -9.65 1.31
N VAL B 42 -21.53 -9.92 2.60
CA VAL B 42 -21.73 -11.28 3.06
C VAL B 42 -23.13 -11.37 3.63
N LYS B 43 -24.06 -11.79 2.79
CA LYS B 43 -25.49 -11.80 3.11
C LYS B 43 -25.71 -12.38 4.48
N GLY B 44 -26.50 -11.66 5.27
CA GLY B 44 -26.95 -12.12 6.57
C GLY B 44 -25.93 -11.88 7.65
N THR B 45 -24.98 -10.99 7.39
CA THR B 45 -23.93 -10.59 8.38
C THR B 45 -23.79 -9.08 8.29
N HIS B 46 -22.91 -8.47 9.07
CA HIS B 46 -22.62 -7.03 8.90
C HIS B 46 -21.45 -6.83 7.95
N ILE B 47 -20.95 -7.87 7.31
CA ILE B 47 -19.82 -7.68 6.44
C ILE B 47 -20.35 -7.06 5.14
N ASP B 48 -20.14 -5.76 5.00
CA ASP B 48 -20.70 -5.00 3.90
C ASP B 48 -19.76 -3.81 3.74
N TYR B 49 -18.77 -3.92 2.85
CA TYR B 49 -17.63 -3.01 2.89
C TYR B 49 -17.05 -2.83 1.51
N PRO B 50 -16.48 -1.64 1.24
CA PRO B 50 -15.60 -1.48 0.09
C PRO B 50 -14.37 -2.38 0.26
N ILE B 51 -13.87 -2.93 -0.83
CA ILE B 51 -12.60 -3.62 -0.87
C ILE B 51 -11.58 -2.70 -1.56
N VAL B 52 -10.36 -2.62 -1.01
CA VAL B 52 -9.26 -1.92 -1.67
C VAL B 52 -8.22 -2.93 -2.02
N GLN B 53 -7.28 -2.56 -2.87
CA GLN B 53 -6.08 -3.33 -3.06
C GLN B 53 -4.88 -2.37 -2.90
N GLY B 54 -3.95 -2.75 -2.02
CA GLY B 54 -2.79 -1.90 -1.71
C GLY B 54 -1.67 -2.35 -2.57
N GLU B 55 -0.54 -1.65 -2.51
CA GLU B 55 0.60 -2.03 -3.35
C GLU B 55 1.34 -3.18 -2.69
N ASN B 56 0.92 -3.53 -1.48
CA ASN B 56 1.50 -4.64 -0.72
C ASN B 56 0.46 -5.01 0.31
N ASN B 57 0.73 -6.05 1.10
CA ASN B 57 -0.21 -6.51 2.13
C ASN B 57 -0.07 -5.87 3.52
N LEU B 58 0.77 -4.84 3.63
CA LEU B 58 0.89 -4.07 4.86
C LEU B 58 0.08 -2.78 4.85
N GLU B 59 -0.14 -2.25 3.64
CA GLU B 59 -0.68 -0.90 3.48
C GLU B 59 -2.00 -0.63 4.25
N TYR B 60 -2.90 -1.62 4.26
CA TYR B 60 -4.23 -1.43 4.81
C TYR B 60 -4.51 -2.13 6.15
N ILE B 61 -3.46 -2.59 6.84
CA ILE B 61 -3.59 -3.10 8.21
C ILE B 61 -4.11 -2.04 9.17
N ASN B 62 -3.62 -0.82 9.03
CA ASN B 62 -3.90 0.31 9.96
C ASN B 62 -4.28 1.61 9.23
N LYS B 63 -4.86 1.46 8.04
CA LYS B 63 -5.29 2.61 7.23
C LYS B 63 -6.70 2.37 6.71
N SER B 64 -7.54 3.37 6.88
CA SER B 64 -8.92 3.27 6.45
C SER B 64 -9.06 3.52 4.96
N VAL B 65 -10.24 3.18 4.44
CA VAL B 65 -10.56 3.37 3.02
C VAL B 65 -10.41 4.85 2.65
N GLU B 66 -10.53 5.73 3.63
N GLU B 66 -10.53 5.73 3.63
CA GLU B 66 -10.32 7.16 3.39
CA GLU B 66 -10.33 7.15 3.41
C GLU B 66 -8.85 7.55 3.36
C GLU B 66 -8.87 7.57 3.49
N GLY B 67 -7.99 6.58 3.68
CA GLY B 67 -6.54 6.80 3.72
C GLY B 67 -6.05 7.38 5.03
N GLU B 68 -6.85 7.22 6.07
CA GLU B 68 -6.51 7.75 7.37
C GLU B 68 -6.05 6.66 8.34
N TYR B 69 -5.31 7.04 9.37
CA TYR B 69 -4.87 6.08 10.37
C TYR B 69 -6.04 5.49 11.13
N SER B 70 -6.03 4.17 11.25
CA SER B 70 -7.18 3.46 11.86
C SER B 70 -6.81 2.03 12.20
N LEU B 71 -7.03 1.64 13.43
CA LEU B 71 -6.67 0.29 13.86
C LEU B 71 -7.59 -0.78 13.22
N SER B 72 -8.73 -0.39 12.65
CA SER B 72 -9.64 -1.34 11.95
C SER B 72 -9.21 -1.61 10.52
N GLY B 73 -8.34 -0.77 10.02
CA GLY B 73 -7.83 -0.93 8.67
C GLY B 73 -8.94 -0.87 7.62
N SER B 74 -8.72 -1.62 6.52
CA SER B 74 -9.68 -1.78 5.43
C SER B 74 -9.75 -3.25 5.09
N VAL B 75 -10.81 -3.64 4.40
CA VAL B 75 -10.91 -4.96 3.78
C VAL B 75 -10.07 -4.88 2.53
N PHE B 76 -9.08 -5.76 2.36
CA PHE B 76 -8.20 -5.59 1.22
C PHE B 76 -7.93 -6.88 0.48
N LEU B 77 -7.83 -6.75 -0.84
CA LEU B 77 -7.51 -7.86 -1.67
C LEU B 77 -6.02 -8.05 -1.68
N ASP B 78 -5.56 -9.30 -1.63
CA ASP B 78 -4.17 -9.56 -1.81
C ASP B 78 -3.60 -8.75 -2.97
N TYR B 79 -2.42 -8.19 -2.73
CA TYR B 79 -1.80 -7.23 -3.64
C TYR B 79 -1.38 -7.93 -4.90
N ARG B 80 -1.20 -9.23 -4.85
CA ARG B 80 -0.77 -9.96 -6.00
C ARG B 80 -1.88 -10.37 -6.96
N ASN B 81 -3.14 -10.21 -6.56
CA ASN B 81 -4.27 -10.74 -7.32
C ASN B 81 -4.77 -9.72 -8.34
N LYS B 82 -5.49 -10.23 -9.34
CA LYS B 82 -6.10 -9.36 -10.33
C LYS B 82 -7.35 -8.79 -9.75
N VAL B 83 -7.57 -7.49 -9.92
CA VAL B 83 -8.73 -6.81 -9.32
C VAL B 83 -10.06 -7.23 -9.94
N THR B 84 -9.97 -7.98 -11.03
CA THR B 84 -11.18 -8.46 -11.75
C THR B 84 -11.69 -9.77 -11.17
N PHE B 85 -10.96 -10.34 -10.22
CA PHE B 85 -11.29 -11.65 -9.71
C PHE B 85 -11.19 -12.82 -10.73
N GLU B 86 -10.32 -12.66 -11.73
CA GLU B 86 -10.17 -13.69 -12.76
CA GLU B 86 -10.06 -13.61 -12.83
C GLU B 86 -9.03 -14.66 -12.45
N ASP B 87 -8.29 -14.42 -11.36
CA ASP B 87 -7.31 -15.43 -10.89
C ASP B 87 -8.04 -16.71 -10.44
N LYS B 88 -7.32 -17.83 -10.37
CA LYS B 88 -7.91 -19.08 -9.89
C LYS B 88 -8.17 -19.06 -8.38
N TYR B 89 -7.36 -18.30 -7.65
CA TYR B 89 -7.53 -18.17 -6.22
C TYR B 89 -7.19 -16.74 -5.78
N SER B 90 -8.22 -16.02 -5.33
CA SER B 90 -8.08 -14.70 -4.80
C SER B 90 -8.35 -14.68 -3.28
N LEU B 91 -7.59 -13.83 -2.56
CA LEU B 91 -7.73 -13.72 -1.08
C LEU B 91 -8.00 -12.31 -0.64
N ILE B 92 -8.93 -12.19 0.29
CA ILE B 92 -9.34 -10.91 0.81
C ILE B 92 -9.19 -10.99 2.34
N TYR B 93 -8.52 -9.99 2.92
CA TYR B 93 -8.29 -9.96 4.35
C TYR B 93 -8.97 -8.79 5.05
N ALA B 94 -9.26 -8.98 6.33
CA ALA B 94 -9.66 -7.86 7.18
C ALA B 94 -9.49 -8.31 8.62
N HIS B 95 -9.43 -7.36 9.56
CA HIS B 95 -9.24 -7.67 10.98
C HIS B 95 -10.43 -8.39 11.58
N HIS B 96 -10.13 -9.35 12.44
CA HIS B 96 -11.14 -9.84 13.38
C HIS B 96 -11.20 -8.87 14.56
N MET B 97 -12.08 -7.90 14.48
CA MET B 97 -12.21 -6.93 15.54
C MET B 97 -13.19 -7.45 16.58
N ALA B 98 -12.96 -7.07 17.84
CA ALA B 98 -14.01 -7.07 18.85
C ALA B 98 -15.24 -6.35 18.31
N GLY B 99 -16.41 -6.96 18.41
CA GLY B 99 -17.60 -6.43 17.79
C GLY B 99 -17.89 -7.00 16.43
N ASN B 100 -18.94 -6.49 15.81
CA ASN B 100 -19.32 -6.99 14.50
CA ASN B 100 -19.37 -6.94 14.51
C ASN B 100 -18.69 -6.18 13.37
N VAL B 101 -17.55 -5.54 13.65
CA VAL B 101 -16.90 -4.70 12.63
C VAL B 101 -15.92 -5.49 11.79
N MET B 102 -15.67 -5.04 10.57
CA MET B 102 -14.76 -5.76 9.62
C MET B 102 -15.16 -7.22 9.57
N PHE B 103 -14.19 -8.12 9.77
CA PHE B 103 -14.46 -9.55 9.75
C PHE B 103 -14.71 -10.10 11.15
N GLY B 104 -15.19 -9.24 12.04
CA GLY B 104 -15.60 -9.70 13.38
C GLY B 104 -16.49 -10.95 13.36
N GLU B 105 -17.40 -11.01 12.41
CA GLU B 105 -18.34 -12.11 12.34
C GLU B 105 -17.89 -13.31 11.49
N LEU B 106 -16.78 -13.19 10.77
CA LEU B 106 -16.31 -14.31 9.97
C LEU B 106 -16.19 -15.65 10.74
N PRO B 107 -15.70 -15.63 12.04
CA PRO B 107 -15.63 -16.90 12.77
C PRO B 107 -16.98 -17.56 13.04
N ASN B 108 -18.08 -16.82 12.91
CA ASN B 108 -19.40 -17.46 12.94
C ASN B 108 -19.51 -18.63 11.98
N PHE B 109 -18.78 -18.60 10.85
CA PHE B 109 -18.76 -19.71 9.87
C PHE B 109 -18.23 -21.03 10.40
N ARG B 110 -17.65 -21.00 11.60
CA ARG B 110 -17.16 -22.26 12.19
C ARG B 110 -18.26 -23.04 12.89
N LYS B 111 -19.41 -22.40 13.06
CA LYS B 111 -20.56 -23.01 13.73
C LYS B 111 -21.47 -23.60 12.67
N LYS B 112 -21.82 -24.87 12.83
CA LYS B 112 -22.45 -25.65 11.76
C LYS B 112 -23.80 -25.08 11.28
N SER B 113 -24.69 -24.76 12.20
CA SER B 113 -25.94 -24.15 11.82
C SER B 113 -25.74 -22.82 11.15
N PHE B 114 -24.74 -22.04 11.58
CA PHE B 114 -24.52 -20.76 10.93
C PHE B 114 -23.97 -21.01 9.53
N PHE B 115 -23.03 -21.94 9.42
CA PHE B 115 -22.45 -22.28 8.15
C PHE B 115 -23.52 -22.77 7.13
N ASN B 116 -24.46 -23.63 7.59
CA ASN B 116 -25.47 -24.22 6.71
C ASN B 116 -26.44 -23.16 6.22
N LYS B 117 -26.62 -22.12 7.02
CA LYS B 117 -27.58 -21.08 6.71
C LYS B 117 -27.02 -19.94 5.85
N HIS B 118 -25.70 -19.73 5.86
CA HIS B 118 -25.11 -18.62 5.08
C HIS B 118 -24.18 -19.18 4.03
N LYS B 119 -24.71 -19.34 2.82
CA LYS B 119 -24.04 -20.15 1.82
C LYS B 119 -23.40 -19.36 0.72
N GLU B 120 -23.55 -18.04 0.77
CA GLU B 120 -22.97 -17.18 -0.26
C GLU B 120 -22.39 -15.84 0.23
N PHE B 121 -21.53 -15.28 -0.59
CA PHE B 121 -21.23 -13.86 -0.50
C PHE B 121 -21.10 -13.26 -1.91
N SER B 122 -21.15 -11.94 -2.01
CA SER B 122 -21.04 -11.31 -3.31
C SER B 122 -20.07 -10.14 -3.37
N ILE B 123 -19.60 -9.88 -4.57
CA ILE B 123 -18.69 -8.80 -4.82
C ILE B 123 -19.07 -8.07 -6.12
N GLU B 124 -19.08 -6.76 -6.05
CA GLU B 124 -19.22 -5.96 -7.22
C GLU B 124 -17.94 -5.21 -7.53
N THR B 125 -17.33 -5.52 -8.67
CA THR B 125 -16.10 -4.89 -9.09
C THR B 125 -16.31 -3.40 -9.38
N LYS B 126 -15.23 -2.66 -9.61
CA LYS B 126 -15.33 -1.21 -9.86
C LYS B 126 -15.94 -0.97 -11.24
N THR B 127 -15.77 -1.97 -12.09
CA THR B 127 -16.40 -2.10 -13.40
C THR B 127 -17.91 -2.42 -13.30
N LYS B 128 -18.40 -2.55 -12.07
CA LYS B 128 -19.79 -2.92 -11.75
C LYS B 128 -20.16 -4.39 -12.08
N GLN B 129 -19.19 -5.22 -12.49
CA GLN B 129 -19.45 -6.64 -12.67
CA GLN B 129 -19.49 -6.63 -12.68
C GLN B 129 -19.98 -7.11 -11.31
N LYS B 130 -20.75 -8.20 -11.32
CA LYS B 130 -21.34 -8.67 -10.10
C LYS B 130 -21.10 -10.13 -10.01
N LEU B 131 -20.34 -10.51 -9.00
CA LEU B 131 -19.91 -11.87 -8.81
C LEU B 131 -20.63 -12.45 -7.61
N LYS B 132 -20.99 -13.73 -7.73
CA LYS B 132 -21.59 -14.43 -6.61
C LYS B 132 -20.66 -15.56 -6.25
N ILE B 133 -20.42 -15.71 -4.93
CA ILE B 133 -19.49 -16.75 -4.46
C ILE B 133 -20.23 -17.73 -3.61
N ASN B 134 -20.05 -18.99 -3.95
CA ASN B 134 -20.70 -20.05 -3.25
C ASN B 134 -19.79 -20.65 -2.23
N ILE B 135 -20.11 -20.43 -0.96
CA ILE B 135 -19.19 -20.84 0.11
C ILE B 135 -19.21 -22.36 0.26
N PHE B 136 -18.03 -22.97 0.39
CA PHE B 136 -17.97 -24.41 0.62
C PHE B 136 -17.03 -24.86 1.74
N ALA B 137 -16.20 -23.96 2.27
CA ALA B 137 -15.28 -24.34 3.37
C ALA B 137 -15.13 -23.25 4.45
N CYS B 138 -15.00 -23.67 5.71
CA CYS B 138 -14.49 -22.78 6.78
C CYS B 138 -13.33 -23.43 7.46
N ILE B 139 -12.17 -22.78 7.43
CA ILE B 139 -10.97 -23.33 8.03
C ILE B 139 -10.53 -22.51 9.26
N GLN B 140 -10.14 -23.21 10.32
CA GLN B 140 -9.61 -22.58 11.51
C GLN B 140 -8.22 -23.11 11.69
N THR B 141 -7.20 -22.29 11.49
CA THR B 141 -5.85 -22.78 11.56
C THR B 141 -4.85 -21.80 12.24
N ASP B 142 -3.79 -22.37 12.85
CA ASP B 142 -2.71 -21.64 13.50
C ASP B 142 -1.39 -21.84 12.80
N ALA B 143 -1.36 -22.55 11.68
CA ALA B 143 -0.09 -22.88 11.06
C ALA B 143 -0.07 -22.36 9.60
N PHE B 144 1.10 -21.93 9.11
CA PHE B 144 1.19 -21.45 7.72
C PHE B 144 1.07 -22.65 6.80
N ASP B 145 0.28 -22.53 5.72
CA ASP B 145 0.03 -23.64 4.81
CA ASP B 145 0.07 -23.65 4.84
C ASP B 145 0.59 -23.37 3.41
N SER B 146 1.12 -24.40 2.79
CA SER B 146 1.77 -24.30 1.46
C SER B 146 0.87 -23.74 0.34
N LEU B 147 -0.42 -24.08 0.36
CA LEU B 147 -1.35 -23.71 -0.66
C LEU B 147 -2.49 -22.80 -0.21
N LEU B 148 -2.84 -22.81 1.09
CA LEU B 148 -4.06 -22.10 1.49
C LEU B 148 -3.97 -20.57 1.38
N PHE B 149 -2.77 -20.02 1.42
CA PHE B 149 -2.61 -18.58 1.62
C PHE B 149 -1.92 -17.83 0.51
N ASN B 150 -1.53 -18.49 -0.57
CA ASN B 150 -0.91 -17.78 -1.67
C ASN B 150 -1.86 -17.73 -2.83
N PRO B 151 -2.02 -16.53 -3.41
CA PRO B 151 -2.85 -16.44 -4.57
C PRO B 151 -2.32 -17.31 -5.72
N ILE B 152 -3.27 -17.83 -6.49
CA ILE B 152 -2.97 -18.63 -7.65
C ILE B 152 -3.55 -17.87 -8.81
N ASP B 153 -2.66 -17.55 -9.76
CA ASP B 153 -2.94 -16.78 -10.93
C ASP B 153 -3.86 -17.53 -11.93
N SER B 158 -1.80 -29.13 -8.70
CA SER B 158 -3.01 -29.87 -8.30
C SER B 158 -4.06 -28.92 -7.73
N LYS B 159 -5.15 -28.83 -8.49
CA LYS B 159 -6.42 -28.49 -7.94
C LYS B 159 -6.81 -29.54 -6.87
N ASN B 160 -6.41 -30.80 -7.12
CA ASN B 160 -6.72 -31.91 -6.20
C ASN B 160 -6.04 -31.69 -4.84
N GLU B 161 -4.74 -31.39 -4.85
CA GLU B 161 -3.99 -31.11 -3.61
C GLU B 161 -4.58 -29.91 -2.86
N PHE B 162 -4.96 -28.88 -3.60
CA PHE B 162 -5.59 -27.67 -3.10
C PHE B 162 -6.92 -27.96 -2.44
N LEU B 163 -7.81 -28.66 -3.13
CA LEU B 163 -9.11 -29.04 -2.56
C LEU B 163 -8.94 -29.97 -1.35
N ASN B 164 -7.90 -30.80 -1.40
CA ASN B 164 -7.61 -31.65 -0.28
C ASN B 164 -7.16 -30.88 0.98
N HIS B 165 -6.26 -29.90 0.82
CA HIS B 165 -5.85 -29.03 1.94
C HIS B 165 -7.09 -28.40 2.55
N ILE B 166 -7.95 -27.91 1.67
CA ILE B 166 -9.11 -27.21 2.18
C ILE B 166 -9.93 -28.19 2.99
N LYS B 167 -10.27 -29.32 2.38
CA LYS B 167 -11.13 -30.29 3.06
C LYS B 167 -10.48 -30.81 4.36
N GLN B 168 -9.19 -31.15 4.33
CA GLN B 168 -8.56 -31.69 5.56
C GLN B 168 -8.42 -30.68 6.71
N LYS B 169 -8.43 -29.38 6.40
CA LYS B 169 -8.27 -28.37 7.46
C LYS B 169 -9.52 -27.63 7.87
N SER B 170 -10.63 -27.95 7.19
CA SER B 170 -11.93 -27.37 7.46
C SER B 170 -12.53 -27.83 8.79
N VAL B 171 -13.26 -26.92 9.46
CA VAL B 171 -14.15 -27.29 10.56
C VAL B 171 -15.62 -27.40 10.08
N GLN B 172 -15.93 -26.79 8.94
CA GLN B 172 -17.25 -26.91 8.34
C GLN B 172 -16.96 -27.00 6.84
N TYR B 173 -17.74 -27.81 6.13
CA TYR B 173 -17.38 -28.15 4.74
C TYR B 173 -18.55 -28.78 4.02
N ARG B 174 -18.77 -28.40 2.76
CA ARG B 174 -19.76 -29.03 1.89
C ARG B 174 -19.14 -29.29 0.53
N GLU B 175 -19.58 -30.37 -0.12
CA GLU B 175 -19.16 -30.70 -1.50
CA GLU B 175 -19.14 -30.67 -1.48
C GLU B 175 -20.05 -29.94 -2.46
N ILE B 176 -19.45 -29.25 -3.42
CA ILE B 176 -20.23 -28.62 -4.49
C ILE B 176 -19.52 -28.95 -5.82
N LEU B 177 -20.23 -28.78 -6.95
CA LEU B 177 -19.69 -29.10 -8.26
C LEU B 177 -18.64 -28.12 -8.67
N THR B 178 -17.55 -28.63 -9.19
CA THR B 178 -16.47 -27.81 -9.67
C THR B 178 -15.98 -28.32 -11.02
N THR B 179 -15.58 -27.38 -11.87
CA THR B 179 -15.05 -27.68 -13.20
C THR B 179 -13.68 -27.04 -13.24
N ASN B 180 -12.84 -27.43 -14.17
N ASN B 180 -12.87 -27.46 -14.20
CA ASN B 180 -11.48 -26.88 -14.25
CA ASN B 180 -11.52 -26.94 -14.36
C ASN B 180 -11.47 -25.35 -14.44
C ASN B 180 -11.45 -25.43 -14.58
N GLU B 181 -12.59 -24.82 -14.92
CA GLU B 181 -12.80 -23.40 -15.14
CA GLU B 181 -12.59 -23.37 -15.08
C GLU B 181 -13.07 -22.66 -13.82
N SER B 182 -13.40 -23.41 -12.78
CA SER B 182 -13.86 -22.81 -11.53
C SER B 182 -12.77 -21.95 -10.86
N ARG B 183 -13.19 -20.79 -10.37
CA ARG B 183 -12.31 -19.86 -9.68
C ARG B 183 -12.73 -19.78 -8.21
N PHE B 184 -11.75 -19.56 -7.34
CA PHE B 184 -11.99 -19.55 -5.88
C PHE B 184 -11.70 -18.19 -5.24
N VAL B 185 -12.43 -17.85 -4.20
CA VAL B 185 -12.18 -16.62 -3.47
C VAL B 185 -12.23 -16.94 -1.99
N ALA B 186 -11.28 -16.40 -1.23
CA ALA B 186 -11.22 -16.60 0.20
C ALA B 186 -11.38 -15.29 0.94
N LEU B 187 -12.09 -15.35 2.07
CA LEU B 187 -12.14 -14.28 3.03
C LEU B 187 -11.39 -14.77 4.26
N SER B 188 -10.34 -14.02 4.66
CA SER B 188 -9.44 -14.39 5.77
C SER B 188 -9.38 -13.30 6.84
N THR B 189 -9.46 -13.69 8.09
CA THR B 189 -9.22 -12.76 9.22
C THR B 189 -7.71 -12.48 9.31
N CYS B 190 -7.36 -11.51 10.17
CA CYS B 190 -5.99 -11.00 10.32
C CYS B 190 -4.96 -11.94 10.95
N GLU B 191 -3.69 -11.53 10.78
CA GLU B 191 -2.52 -12.21 11.37
C GLU B 191 -2.24 -11.71 12.79
N ASP B 192 -2.67 -10.50 13.09
CA ASP B 192 -2.36 -9.85 14.37
C ASP B 192 -3.31 -10.23 15.51
N MET B 193 -4.39 -10.96 15.20
CA MET B 193 -5.37 -11.33 16.23
C MET B 193 -5.86 -12.72 15.85
N THR B 194 -5.00 -13.70 16.15
CA THR B 194 -5.21 -15.07 15.70
C THR B 194 -5.58 -16.08 16.79
N THR B 195 -6.13 -15.58 17.88
CA THR B 195 -6.51 -16.42 18.98
C THR B 195 -7.52 -17.50 18.60
N ASP B 196 -7.19 -18.73 18.96
CA ASP B 196 -7.94 -19.95 18.67
C ASP B 196 -7.78 -20.44 17.23
N GLY B 197 -6.91 -19.77 16.50
CA GLY B 197 -6.63 -20.05 15.11
C GLY B 197 -7.10 -18.91 14.18
N ARG B 198 -6.40 -18.71 13.07
CA ARG B 198 -6.90 -17.85 11.98
C ARG B 198 -8.13 -18.44 11.24
N ILE B 199 -9.15 -17.64 10.93
CA ILE B 199 -10.35 -18.12 10.21
C ILE B 199 -10.31 -17.79 8.72
N ILE B 200 -10.45 -18.81 7.89
CA ILE B 200 -10.63 -18.60 6.45
C ILE B 200 -11.88 -19.28 5.88
N VAL B 201 -12.64 -18.49 5.12
CA VAL B 201 -13.89 -18.92 4.51
C VAL B 201 -13.69 -18.90 3.02
N ILE B 202 -13.88 -20.06 2.41
CA ILE B 202 -13.57 -20.21 1.01
C ILE B 202 -14.81 -20.59 0.16
N GLY B 203 -14.98 -19.90 -0.95
CA GLY B 203 -16.04 -20.22 -1.88
C GLY B 203 -15.61 -20.29 -3.34
N GLN B 204 -16.56 -20.66 -4.20
CA GLN B 204 -16.30 -20.82 -5.64
C GLN B 204 -17.15 -19.81 -6.36
N ILE B 205 -16.57 -19.01 -7.24
CA ILE B 205 -17.39 -18.05 -7.99
C ILE B 205 -18.48 -18.76 -8.81
N GLU B 206 -19.73 -18.29 -8.65
CA GLU B 206 -20.91 -18.81 -9.36
C GLU B 206 -20.81 -18.76 -10.88
C1 EDO C . 8.56 -1.17 -19.27
O1 EDO C . 9.48 -0.85 -18.21
C2 EDO C . 7.10 -0.85 -18.89
O2 EDO C . 6.68 0.34 -19.57
C1 EDO D . 20.01 16.43 -14.55
O1 EDO D . 20.82 17.08 -15.52
C2 EDO D . 19.69 15.04 -15.07
O2 EDO D . 18.69 15.19 -16.08
C1 EDO E . 7.40 0.63 -0.56
O1 EDO E . 7.13 -0.75 -0.33
C2 EDO E . 7.93 0.83 -2.00
O2 EDO E . 8.84 -0.20 -2.42
C ACY F . 1.55 20.91 -3.30
O ACY F . 0.50 20.64 -2.68
OXT ACY F . 2.57 20.19 -3.24
CH3 ACY F . 1.60 22.16 -4.14
C ACY G . 23.39 20.72 4.09
O ACY G . 23.72 21.11 2.95
OXT ACY G . 22.75 19.65 4.26
CH3 ACY G . 23.78 21.55 5.29
C ACY H . 14.14 1.59 6.51
O ACY H . 15.02 2.50 6.45
OXT ACY H . 13.63 1.20 7.58
CH3 ACY H . 13.62 0.99 5.21
CL CL I . 19.15 4.07 4.52
CL CL J . 25.77 18.47 -6.44
ZN ZN K . -1.07 7.63 -14.59
ZN ZN L . 10.93 -2.64 3.98
ZN ZN M . 10.27 23.95 -16.31
ZN ZN N . -1.74 26.60 0.35
ZN ZN O . 29.07 6.52 -6.72
ZN ZN P . 10.26 16.07 16.79
ZN ZN Q . 12.80 20.68 13.99
ZN ZN R . 14.22 2.06 9.20
C1 EDO S . -1.33 -11.05 4.54
O1 EDO S . -1.58 -12.36 5.00
C2 EDO S . -2.44 -10.14 5.06
O2 EDO S . -2.39 -10.10 6.48
C ACY T . -4.79 6.47 0.35
O ACY T . -3.75 6.74 0.99
OXT ACY T . -5.21 5.31 0.23
CH3 ACY T . -5.57 7.60 -0.30
C ACY U . -1.74 -18.47 10.54
O ACY U . -2.40 -19.50 10.27
OXT ACY U . -0.89 -18.01 9.74
CH3 ACY U . -1.94 -17.78 11.86
ZN ZN V . -2.84 -0.77 -7.10
ZN ZN W . -24.38 -8.95 12.93
ZN ZN X . -26.16 -4.03 13.42
ZN ZN Y . -27.31 -14.29 9.16
ZN ZN Z . -25.47 -21.29 -8.54
ZN ZN AA . -6.37 -7.83 13.43
ZN ZN BA . -15.28 -11.94 17.30
ZN ZN CA . -0.29 -30.95 0.17
ZN ZN DA . -23.91 -1.22 -8.68
ZN ZN EA . 0.38 -27.13 2.24
ZN ZN FA . -2.06 2.45 -2.14
#